data_3O6U
#
_entry.id   3O6U
#
_cell.length_a   114.435
_cell.length_b   121.643
_cell.length_c   95.532
_cell.angle_alpha   90.000
_cell.angle_beta   90.000
_cell.angle_gamma   90.000
#
_symmetry.space_group_name_H-M   'C 2 2 21'
#
loop_
_entity.id
_entity.type
_entity.pdbx_description
1 polymer 'uncharacterized protein CPE2226'
2 water water
#
_entity_poly.entity_id   1
_entity_poly.type   'polypeptide(L)'
_entity_poly.pdbx_seq_one_letter_code
;(MSE)LKDGDYTVETAKADDHGYKAKLSIKVSDGKITEAKYNEFNGETNA(MSE)KREDKDYNEK(MSE)TGVSGIGPAE
YEPQLEKALIEKQSSDIDVITGATSSSNQFKKLAEKVLKNAEEGKTEATLVDLEHHHHHH
;
_entity_poly.pdbx_strand_id   A,B,C,D,E
#
# COMPACT_ATOMS: atom_id res chain seq x y z
N MSE A 1 -9.85 -38.62 12.23
CA MSE A 1 -9.40 -39.58 11.19
C MSE A 1 -9.42 -38.94 9.81
O MSE A 1 -10.46 -38.49 9.32
CB MSE A 1 -10.30 -40.83 11.18
CG MSE A 1 -9.90 -41.87 10.11
SE MSE A 1 -11.35 -43.04 9.50
CE MSE A 1 -11.94 -43.80 11.20
N LEU A 2 -8.26 -38.92 9.18
CA LEU A 2 -8.12 -38.37 7.85
C LEU A 2 -8.16 -39.47 6.77
N LYS A 3 -9.17 -39.42 5.91
CA LYS A 3 -9.26 -40.34 4.78
C LYS A 3 -8.14 -39.94 3.77
N ASP A 4 -7.43 -40.93 3.28
CA ASP A 4 -6.37 -40.70 2.30
C ASP A 4 -6.95 -40.12 1.01
N GLY A 5 -6.12 -39.39 0.29
CA GLY A 5 -6.55 -38.82 -0.99
C GLY A 5 -6.00 -37.44 -1.18
N ASP A 6 -6.49 -36.77 -2.21
CA ASP A 6 -6.09 -35.40 -2.48
C ASP A 6 -7.29 -34.49 -2.21
N TYR A 7 -7.06 -33.40 -1.49
CA TYR A 7 -8.14 -32.44 -1.22
C TYR A 7 -7.65 -31.04 -1.55
N THR A 8 -8.54 -30.28 -2.17
CA THR A 8 -8.27 -28.93 -2.60
C THR A 8 -9.37 -28.00 -2.17
N VAL A 9 -8.99 -26.87 -1.60
CA VAL A 9 -9.95 -25.87 -1.23
C VAL A 9 -9.46 -24.55 -1.82
N GLU A 10 -10.39 -23.66 -2.14
CA GLU A 10 -10.09 -22.38 -2.75
C GLU A 10 -11.05 -21.30 -2.28
N THR A 11 -10.57 -20.06 -2.18
CA THR A 11 -11.43 -18.94 -1.79
C THR A 11 -12.50 -18.73 -2.86
N ALA A 12 -13.73 -18.47 -2.43
CA ALA A 12 -14.86 -18.32 -3.36
C ALA A 12 -14.72 -17.18 -4.35
N LYS A 13 -14.04 -16.13 -3.91
CA LYS A 13 -13.82 -14.95 -4.74
C LYS A 13 -12.50 -14.26 -4.43
N ALA A 14 -11.99 -13.56 -5.44
CA ALA A 14 -10.77 -12.79 -5.30
C ALA A 14 -10.95 -11.76 -4.20
N ASP A 15 -9.87 -11.48 -3.47
CA ASP A 15 -9.92 -10.44 -2.45
C ASP A 15 -9.89 -9.02 -3.10
N ASP A 16 -9.69 -8.00 -2.27
CA ASP A 16 -9.70 -6.61 -2.74
C ASP A 16 -8.62 -6.29 -3.76
N HIS A 17 -7.57 -7.10 -3.82
CA HIS A 17 -6.52 -6.86 -4.80
C HIS A 17 -6.53 -7.81 -5.99
N GLY A 18 -7.55 -8.64 -6.09
CA GLY A 18 -7.67 -9.55 -7.23
C GLY A 18 -7.04 -10.91 -7.05
N TYR A 19 -6.59 -11.23 -5.84
CA TYR A 19 -5.99 -12.54 -5.59
C TYR A 19 -6.91 -13.51 -4.90
N LYS A 20 -6.87 -14.75 -5.38
CA LYS A 20 -7.57 -15.83 -4.71
C LYS A 20 -6.50 -16.68 -4.04
N ALA A 21 -6.93 -17.59 -3.17
CA ALA A 21 -5.98 -18.50 -2.56
C ALA A 21 -6.48 -19.97 -2.60
N LYS A 22 -5.51 -20.84 -2.85
CA LYS A 22 -5.73 -22.25 -3.03
C LYS A 22 -4.87 -23.08 -2.09
N LEU A 23 -5.47 -24.07 -1.44
CA LEU A 23 -4.70 -24.98 -0.62
C LEU A 23 -4.97 -26.41 -1.05
N SER A 24 -3.90 -27.14 -1.39
CA SER A 24 -4.05 -28.54 -1.71
C SER A 24 -3.27 -29.37 -0.72
N ILE A 25 -3.82 -30.53 -0.37
CA ILE A 25 -3.09 -31.44 0.48
C ILE A 25 -3.20 -32.87 -0.03
N LYS A 26 -2.25 -33.68 0.40
CA LYS A 26 -2.31 -35.09 0.08
C LYS A 26 -2.23 -35.78 1.46
N VAL A 27 -3.12 -36.74 1.66
CA VAL A 27 -3.18 -37.46 2.92
C VAL A 27 -2.87 -38.93 2.61
N SER A 28 -1.89 -39.48 3.29
CA SER A 28 -1.49 -40.86 3.05
C SER A 28 -1.29 -41.58 4.36
N ASP A 29 -2.04 -42.64 4.58
CA ASP A 29 -1.95 -43.40 5.81
C ASP A 29 -2.38 -42.46 6.92
N GLY A 30 -3.47 -41.72 6.64
CA GLY A 30 -4.05 -40.78 7.57
C GLY A 30 -3.17 -39.59 7.91
N LYS A 31 -2.19 -39.30 7.08
CA LYS A 31 -1.31 -38.20 7.41
C LYS A 31 -1.14 -37.15 6.31
N ILE A 32 -1.20 -35.86 6.67
CA ILE A 32 -0.95 -34.80 5.67
C ILE A 32 0.51 -35.02 5.28
N THR A 33 0.69 -35.25 3.99
CA THR A 33 1.96 -35.67 3.45
C THR A 33 2.53 -34.67 2.45
N GLU A 34 1.65 -33.95 1.78
CA GLU A 34 2.02 -32.88 0.86
C GLU A 34 1.05 -31.73 1.12
N ALA A 35 1.54 -30.51 1.03
CA ALA A 35 0.71 -29.33 1.23
C ALA A 35 1.15 -28.25 0.23
N LYS A 36 0.23 -27.79 -0.62
CA LYS A 36 0.52 -26.74 -1.61
C LYS A 36 -0.40 -25.53 -1.47
N TYR A 37 0.18 -24.40 -1.11
CA TYR A 37 -0.63 -23.20 -0.93
C TYR A 37 -0.17 -22.04 -1.80
N ASN A 38 -1.11 -21.48 -2.57
CA ASN A 38 -0.81 -20.36 -3.43
C ASN A 38 -1.85 -19.26 -3.47
N GLU A 39 -1.37 -18.02 -3.30
CA GLU A 39 -2.21 -16.85 -3.55
C GLU A 39 -1.93 -16.61 -5.06
N PHE A 40 -2.92 -16.16 -5.79
CA PHE A 40 -2.77 -16.06 -7.24
C PHE A 40 -3.86 -15.22 -7.86
N ASN A 41 -3.58 -14.72 -9.06
CA ASN A 41 -4.53 -13.85 -9.71
C ASN A 41 -5.69 -14.65 -10.28
N GLY A 42 -6.89 -14.34 -9.79
CA GLY A 42 -8.09 -15.02 -10.23
C GLY A 42 -8.23 -15.21 -11.73
N GLU A 43 -7.96 -14.16 -12.49
CA GLU A 43 -8.12 -14.16 -13.93
C GLU A 43 -6.96 -14.67 -14.75
N THR A 44 -5.74 -14.27 -14.38
CA THR A 44 -4.53 -14.64 -15.15
C THR A 44 -3.87 -15.88 -14.61
N ASN A 45 -4.13 -16.16 -13.35
CA ASN A 45 -3.56 -17.31 -12.69
C ASN A 45 -2.07 -17.18 -12.35
N ALA A 46 -1.56 -15.96 -12.50
CA ALA A 46 -0.19 -15.69 -12.09
C ALA A 46 -0.09 -15.87 -10.56
N MSE A 47 0.88 -16.68 -10.18
CA MSE A 47 1.22 -16.96 -8.79
C MSE A 47 1.93 -15.77 -8.14
O MSE A 47 2.88 -15.21 -8.69
CB MSE A 47 2.13 -18.18 -8.77
CG MSE A 47 1.47 -19.39 -9.43
SE MSE A 47 -0.08 -20.03 -8.40
CE MSE A 47 -1.31 -20.60 -9.82
N LYS A 48 1.46 -15.39 -6.97
CA LYS A 48 2.04 -14.28 -6.21
C LYS A 48 3.49 -14.55 -5.77
N ARG A 49 3.83 -15.81 -5.52
CA ARG A 49 5.19 -16.07 -5.04
C ARG A 49 6.23 -16.03 -6.15
N GLU A 50 5.74 -15.89 -7.38
CA GLU A 50 6.60 -15.75 -8.55
C GLU A 50 6.72 -14.28 -8.94
N ASP A 51 5.98 -13.40 -8.27
CA ASP A 51 6.03 -11.97 -8.61
C ASP A 51 7.12 -11.21 -7.84
N LYS A 52 8.23 -10.94 -8.52
CA LYS A 52 9.37 -10.22 -7.97
C LYS A 52 9.05 -8.88 -7.31
N ASP A 53 8.40 -7.98 -8.05
CA ASP A 53 8.09 -6.66 -7.49
C ASP A 53 7.14 -6.76 -6.32
N TYR A 54 6.15 -7.64 -6.42
CA TYR A 54 5.22 -7.80 -5.33
C TYR A 54 5.96 -8.24 -4.08
N ASN A 55 6.94 -9.12 -4.25
CA ASN A 55 7.69 -9.58 -3.10
C ASN A 55 8.58 -8.53 -2.51
N GLU A 56 9.48 -7.99 -3.34
CA GLU A 56 10.47 -7.03 -2.86
C GLU A 56 9.87 -5.91 -2.04
N LYS A 57 8.79 -5.33 -2.56
CA LYS A 57 8.11 -4.29 -1.81
C LYS A 57 7.63 -4.89 -0.46
N MSE A 58 7.34 -6.20 -0.44
CA MSE A 58 6.80 -6.92 0.73
C MSE A 58 7.86 -7.36 1.73
O MSE A 58 7.64 -7.28 2.94
CB MSE A 58 5.91 -8.07 0.25
CG MSE A 58 5.60 -9.13 1.31
SE MSE A 58 3.93 -8.91 2.32
CE MSE A 58 4.08 -6.98 2.56
N THR A 59 8.99 -7.86 1.23
CA THR A 59 10.14 -8.13 2.09
C THR A 59 10.42 -6.74 2.72
N GLY A 60 10.56 -5.73 1.85
CA GLY A 60 10.76 -4.36 2.29
C GLY A 60 9.82 -3.83 3.38
N VAL A 61 8.51 -3.87 3.20
CA VAL A 61 7.63 -3.29 4.22
C VAL A 61 7.63 -4.00 5.56
N SER A 62 7.14 -5.23 5.56
CA SER A 62 6.98 -6.05 6.75
C SER A 62 8.16 -6.95 7.04
N GLY A 63 8.98 -7.17 6.02
CA GLY A 63 10.12 -8.05 6.13
C GLY A 63 9.91 -9.45 5.55
N ILE A 64 8.77 -9.71 4.91
CA ILE A 64 8.50 -11.05 4.35
C ILE A 64 7.33 -11.16 3.35
N GLY A 65 7.62 -11.81 2.23
CA GLY A 65 6.65 -12.03 1.16
C GLY A 65 6.26 -13.49 0.90
N PRO A 66 5.32 -13.68 -0.05
CA PRO A 66 4.80 -15.01 -0.44
C PRO A 66 5.84 -16.08 -0.73
N ALA A 67 6.86 -15.66 -1.45
CA ALA A 67 7.99 -16.51 -1.81
C ALA A 67 8.54 -17.17 -0.56
N GLU A 68 8.53 -16.44 0.55
CA GLU A 68 8.94 -16.97 1.84
C GLU A 68 7.76 -17.54 2.65
N TYR A 69 6.67 -16.77 2.86
CA TYR A 69 5.63 -17.28 3.74
C TYR A 69 4.82 -18.47 3.26
N GLU A 70 4.62 -18.59 1.94
CA GLU A 70 3.79 -19.70 1.47
C GLU A 70 4.44 -21.04 1.69
N PRO A 71 5.74 -21.16 1.40
CA PRO A 71 6.33 -22.47 1.64
C PRO A 71 6.42 -22.72 3.15
N GLN A 72 6.55 -21.67 3.96
CA GLN A 72 6.58 -21.86 5.41
C GLN A 72 5.25 -22.40 5.92
N LEU A 73 4.15 -21.80 5.48
CA LEU A 73 2.82 -22.22 5.89
C LEU A 73 2.58 -23.68 5.53
N GLU A 74 3.03 -24.05 4.34
CA GLU A 74 2.89 -25.41 3.87
C GLU A 74 3.57 -26.38 4.83
N LYS A 75 4.81 -26.07 5.21
CA LYS A 75 5.57 -26.95 6.09
C LYS A 75 5.01 -27.04 7.49
N ALA A 76 4.65 -25.89 8.06
CA ALA A 76 4.07 -25.82 9.40
C ALA A 76 2.82 -26.66 9.48
N LEU A 77 2.08 -26.74 8.38
CA LEU A 77 0.87 -27.55 8.32
C LEU A 77 1.26 -29.02 8.42
N ILE A 78 2.26 -29.41 7.65
CA ILE A 78 2.71 -30.79 7.66
C ILE A 78 3.32 -31.17 9.01
N GLU A 79 4.02 -30.22 9.64
CA GLU A 79 4.62 -30.44 10.96
C GLU A 79 3.55 -30.53 12.06
N LYS A 80 2.51 -29.73 11.97
CA LYS A 80 1.47 -29.72 13.00
C LYS A 80 0.36 -30.72 12.76
N GLN A 81 0.18 -31.13 11.52
CA GLN A 81 -0.90 -32.03 11.14
C GLN A 81 -2.27 -31.47 11.55
N SER A 82 -2.34 -30.16 11.79
CA SER A 82 -3.62 -29.50 12.10
C SER A 82 -3.56 -28.07 11.60
N SER A 83 -4.73 -27.45 11.45
CA SER A 83 -4.84 -26.07 10.98
C SER A 83 -4.31 -25.08 12.00
N ASP A 84 -4.22 -25.52 13.26
CA ASP A 84 -3.78 -24.66 14.33
C ASP A 84 -2.30 -24.36 14.27
N ILE A 85 -1.90 -23.47 13.36
CA ILE A 85 -0.50 -23.09 13.27
C ILE A 85 -0.31 -21.67 13.80
N ASP A 86 0.94 -21.30 14.06
CA ASP A 86 1.27 -19.97 14.57
C ASP A 86 1.32 -19.00 13.39
N VAL A 87 0.78 -17.81 13.55
CA VAL A 87 0.81 -16.91 12.41
C VAL A 87 2.26 -16.50 12.16
N ILE A 88 2.58 -16.10 10.93
CA ILE A 88 3.93 -15.69 10.64
C ILE A 88 4.04 -14.16 10.68
N THR A 89 4.89 -13.70 11.58
CA THR A 89 5.15 -12.28 11.80
C THR A 89 5.43 -11.59 10.47
N GLY A 90 4.61 -10.59 10.15
CA GLY A 90 4.79 -9.82 8.93
C GLY A 90 3.96 -10.31 7.76
N ALA A 91 3.16 -11.35 8.02
CA ALA A 91 2.31 -11.98 7.03
C ALA A 91 1.16 -12.59 7.80
N THR A 92 0.55 -11.76 8.64
CA THR A 92 -0.55 -12.20 9.51
C THR A 92 -1.81 -12.48 8.73
N SER A 93 -2.01 -11.71 7.67
CA SER A 93 -3.17 -11.81 6.81
C SER A 93 -3.21 -13.18 6.12
N SER A 94 -2.12 -13.53 5.46
CA SER A 94 -2.03 -14.81 4.77
C SER A 94 -2.06 -15.99 5.76
N SER A 95 -1.45 -15.81 6.93
CA SER A 95 -1.47 -16.87 7.92
C SER A 95 -2.93 -17.18 8.30
N ASN A 96 -3.69 -16.12 8.54
CA ASN A 96 -5.11 -16.28 8.91
C ASN A 96 -5.91 -16.82 7.73
N GLN A 97 -5.73 -16.26 6.55
CA GLN A 97 -6.40 -16.81 5.38
C GLN A 97 -6.04 -18.31 5.24
N PHE A 98 -4.74 -18.63 5.29
CA PHE A 98 -4.26 -20.02 5.21
C PHE A 98 -4.92 -20.90 6.25
N LYS A 99 -5.00 -20.42 7.49
CA LYS A 99 -5.61 -21.19 8.56
C LYS A 99 -7.05 -21.56 8.26
N LYS A 100 -7.84 -20.63 7.72
CA LYS A 100 -9.25 -20.95 7.41
C LYS A 100 -9.37 -22.05 6.34
N LEU A 101 -8.57 -21.96 5.29
CA LEU A 101 -8.53 -22.98 4.22
C LEU A 101 -8.08 -24.34 4.80
N ALA A 102 -7.06 -24.33 5.66
CA ALA A 102 -6.66 -25.60 6.32
C ALA A 102 -7.81 -26.20 7.16
N GLU A 103 -8.54 -25.39 7.93
CA GLU A 103 -9.65 -25.93 8.70
C GLU A 103 -10.65 -26.60 7.75
N LYS A 104 -11.01 -25.93 6.67
CA LYS A 104 -11.96 -26.52 5.75
C LYS A 104 -11.44 -27.71 4.97
N VAL A 105 -10.17 -27.69 4.52
CA VAL A 105 -9.64 -28.83 3.77
C VAL A 105 -9.49 -30.06 4.66
N LEU A 106 -9.14 -29.84 5.93
CA LEU A 106 -9.01 -30.93 6.91
C LEU A 106 -10.37 -31.55 7.26
N LYS A 107 -11.45 -30.76 7.23
CA LYS A 107 -12.76 -31.33 7.51
C LYS A 107 -13.10 -32.27 6.36
N ASN A 108 -12.77 -31.86 5.14
CA ASN A 108 -13.06 -32.66 3.95
C ASN A 108 -12.27 -33.96 3.96
N ALA A 109 -11.06 -33.91 4.49
CA ALA A 109 -10.23 -35.10 4.58
C ALA A 109 -10.92 -36.09 5.52
N GLU A 110 -11.56 -35.58 6.57
CA GLU A 110 -12.28 -36.41 7.54
C GLU A 110 -13.48 -37.10 6.92
N GLU A 111 -14.23 -36.35 6.12
CA GLU A 111 -15.41 -36.92 5.48
C GLU A 111 -15.03 -37.64 4.21
N GLY A 112 -13.78 -37.51 3.79
CA GLY A 112 -13.34 -38.10 2.53
C GLY A 112 -14.15 -37.52 1.37
N LYS A 113 -14.37 -36.19 1.38
CA LYS A 113 -15.10 -35.52 0.30
C LYS A 113 -14.14 -35.27 -0.85
N THR A 114 -14.45 -35.84 -2.00
CA THR A 114 -13.53 -35.76 -3.10
C THR A 114 -13.43 -34.44 -3.82
N GLU A 115 -14.57 -33.79 -3.99
CA GLU A 115 -14.61 -32.55 -4.76
C GLU A 115 -14.02 -31.34 -4.09
N ALA A 116 -13.44 -30.46 -4.89
CA ALA A 116 -12.86 -29.22 -4.40
C ALA A 116 -13.98 -28.31 -3.92
N THR A 117 -13.78 -27.65 -2.79
CA THR A 117 -14.80 -26.76 -2.28
C THR A 117 -14.31 -25.33 -2.17
N LEU A 118 -15.28 -24.42 -2.18
CA LEU A 118 -15.02 -23.01 -2.09
C LEU A 118 -15.19 -22.56 -0.66
N VAL A 119 -14.26 -21.74 -0.20
CA VAL A 119 -14.35 -21.20 1.14
C VAL A 119 -14.54 -19.69 1.02
N ASP A 120 -15.60 -19.20 1.66
CA ASP A 120 -15.95 -17.79 1.57
C ASP A 120 -15.39 -17.04 2.75
N LEU A 121 -14.32 -16.29 2.51
CA LEU A 121 -13.68 -15.55 3.59
C LEU A 121 -14.36 -14.21 3.80
N GLU A 122 -14.77 -13.58 2.71
CA GLU A 122 -15.44 -12.29 2.77
C GLU A 122 -16.76 -12.30 3.56
N MSE B 1 -42.29 14.09 -21.43
CA MSE B 1 -42.33 13.66 -22.86
C MSE B 1 -40.93 13.64 -23.49
O MSE B 1 -40.10 14.53 -23.27
CB MSE B 1 -43.25 14.58 -23.66
CG MSE B 1 -43.39 14.18 -25.13
SE MSE B 1 -43.92 15.65 -26.33
CE MSE B 1 -45.43 16.38 -25.32
N LEU B 2 -40.71 12.62 -24.30
CA LEU B 2 -39.45 12.47 -25.00
C LEU B 2 -39.63 12.73 -26.50
N LYS B 3 -38.99 13.78 -26.99
CA LYS B 3 -39.07 14.09 -28.41
C LYS B 3 -38.28 13.02 -29.17
N ASP B 4 -38.90 12.39 -30.17
CA ASP B 4 -38.20 11.36 -30.94
C ASP B 4 -36.94 11.96 -31.58
N GLY B 5 -35.89 11.14 -31.70
CA GLY B 5 -34.62 11.57 -32.27
C GLY B 5 -33.42 10.89 -31.61
N ASP B 6 -32.21 11.37 -31.95
CA ASP B 6 -30.94 10.85 -31.41
C ASP B 6 -30.26 11.93 -30.53
N TYR B 7 -29.88 11.54 -29.31
CA TYR B 7 -29.29 12.48 -28.35
C TYR B 7 -27.98 12.00 -27.75
N THR B 8 -27.04 12.92 -27.59
CA THR B 8 -25.74 12.57 -27.04
C THR B 8 -25.26 13.53 -25.96
N VAL B 9 -24.69 12.96 -24.92
CA VAL B 9 -24.12 13.74 -23.84
C VAL B 9 -22.76 13.11 -23.54
N GLU B 10 -21.81 13.93 -23.09
CA GLU B 10 -20.46 13.49 -22.79
C GLU B 10 -19.89 14.26 -21.59
N THR B 11 -18.91 13.68 -20.90
CA THR B 11 -18.32 14.41 -19.78
C THR B 11 -17.37 15.50 -20.26
N ALA B 12 -17.35 16.61 -19.55
CA ALA B 12 -16.54 17.77 -19.91
C ALA B 12 -15.07 17.53 -19.73
N LYS B 13 -14.71 16.85 -18.65
CA LYS B 13 -13.31 16.63 -18.39
C LYS B 13 -12.98 15.21 -17.92
N ALA B 14 -11.84 14.72 -18.39
CA ALA B 14 -11.39 13.39 -18.01
C ALA B 14 -11.33 13.30 -16.49
N ASP B 15 -11.88 12.22 -15.94
CA ASP B 15 -11.90 12.01 -14.51
C ASP B 15 -10.50 11.84 -13.93
N ASP B 16 -10.43 11.51 -12.65
CA ASP B 16 -9.15 11.42 -11.98
C ASP B 16 -8.16 10.50 -12.68
N HIS B 17 -8.68 9.48 -13.35
CA HIS B 17 -7.84 8.45 -13.99
C HIS B 17 -7.60 8.59 -15.48
N GLY B 18 -8.03 9.72 -16.03
CA GLY B 18 -7.84 9.96 -17.44
C GLY B 18 -9.02 9.56 -18.31
N TYR B 19 -10.09 9.07 -17.70
CA TYR B 19 -11.22 8.63 -18.48
C TYR B 19 -12.39 9.59 -18.58
N LYS B 20 -12.96 9.63 -19.77
CA LYS B 20 -14.18 10.37 -20.03
C LYS B 20 -15.31 9.32 -20.19
N ALA B 21 -16.53 9.79 -20.38
CA ALA B 21 -17.66 8.90 -20.61
C ALA B 21 -18.59 9.60 -21.56
N LYS B 22 -19.38 8.81 -22.27
CA LYS B 22 -20.28 9.34 -23.26
C LYS B 22 -21.54 8.51 -23.24
N LEU B 23 -22.68 9.16 -23.37
CA LEU B 23 -23.93 8.45 -23.42
C LEU B 23 -24.78 8.95 -24.58
N SER B 24 -25.27 8.03 -25.39
CA SER B 24 -26.16 8.39 -26.47
C SER B 24 -27.42 7.53 -26.33
N ILE B 25 -28.57 8.12 -26.67
CA ILE B 25 -29.81 7.36 -26.70
C ILE B 25 -30.57 7.70 -27.97
N LYS B 26 -31.41 6.76 -28.39
CA LYS B 26 -32.26 6.95 -29.53
C LYS B 26 -33.69 6.82 -29.03
N VAL B 27 -34.49 7.86 -29.25
CA VAL B 27 -35.89 7.83 -28.84
C VAL B 27 -36.84 7.65 -30.02
N SER B 28 -37.81 6.76 -29.86
CA SER B 28 -38.80 6.51 -30.89
C SER B 28 -40.17 6.20 -30.29
N ASP B 29 -41.09 7.16 -30.41
CA ASP B 29 -42.46 7.06 -29.91
C ASP B 29 -42.54 7.24 -28.39
N GLY B 30 -41.82 8.25 -27.88
CA GLY B 30 -41.82 8.53 -26.45
C GLY B 30 -40.92 7.63 -25.63
N LYS B 31 -40.48 6.53 -26.23
CA LYS B 31 -39.61 5.60 -25.54
C LYS B 31 -38.14 5.53 -25.99
N ILE B 32 -37.25 5.46 -25.00
CA ILE B 32 -35.84 5.19 -25.25
C ILE B 32 -35.80 3.80 -25.94
N THR B 33 -35.32 3.78 -27.17
CA THR B 33 -35.27 2.55 -27.97
C THR B 33 -33.86 1.94 -28.13
N GLU B 34 -32.82 2.77 -28.01
CA GLU B 34 -31.44 2.29 -28.03
C GLU B 34 -30.62 3.18 -27.10
N ALA B 35 -29.51 2.65 -26.61
CA ALA B 35 -28.62 3.38 -25.71
C ALA B 35 -27.22 2.81 -25.77
N LYS B 36 -26.25 3.72 -25.85
CA LYS B 36 -24.85 3.34 -25.97
C LYS B 36 -24.04 4.16 -24.98
N TYR B 37 -23.41 3.45 -24.04
CA TYR B 37 -22.60 4.05 -23.00
C TYR B 37 -21.15 3.58 -23.12
N ASN B 38 -20.19 4.50 -23.03
CA ASN B 38 -18.77 4.19 -23.17
C ASN B 38 -17.84 5.07 -22.36
N GLU B 39 -17.10 4.44 -21.46
CA GLU B 39 -16.06 5.18 -20.75
C GLU B 39 -14.86 4.98 -21.70
N PHE B 40 -14.01 5.99 -21.81
CA PHE B 40 -12.88 5.93 -22.73
C PHE B 40 -11.76 6.86 -22.32
N ASN B 41 -10.53 6.47 -22.61
CA ASN B 41 -9.38 7.30 -22.29
C ASN B 41 -9.52 8.65 -23.00
N GLY B 42 -9.40 9.72 -22.21
CA GLY B 42 -9.54 11.07 -22.72
C GLY B 42 -8.62 11.46 -23.86
N GLU B 43 -7.34 11.10 -23.75
CA GLU B 43 -6.40 11.46 -24.81
C GLU B 43 -6.43 10.55 -26.04
N THR B 44 -6.29 9.25 -25.84
CA THR B 44 -6.26 8.29 -26.95
C THR B 44 -7.60 7.84 -27.48
N ASN B 45 -8.66 8.00 -26.69
CA ASN B 45 -9.99 7.62 -27.14
C ASN B 45 -10.23 6.11 -27.16
N ALA B 46 -9.36 5.36 -26.49
CA ALA B 46 -9.51 3.92 -26.43
C ALA B 46 -10.70 3.59 -25.54
N MSE B 47 -11.57 2.71 -26.02
CA MSE B 47 -12.74 2.30 -25.29
C MSE B 47 -12.39 1.42 -24.10
O MSE B 47 -11.81 0.36 -24.27
CB MSE B 47 -13.71 1.53 -26.20
CG MSE B 47 -14.30 2.30 -27.38
SE MSE B 47 -15.30 3.93 -26.94
CE MSE B 47 -14.04 5.28 -27.53
N LYS B 48 -12.72 1.85 -22.90
CA LYS B 48 -12.52 1.00 -21.73
C LYS B 48 -13.06 -0.44 -21.96
N ARG B 49 -14.16 -0.60 -22.70
CA ARG B 49 -14.70 -1.95 -22.78
C ARG B 49 -13.99 -2.90 -23.72
N GLU B 50 -13.07 -2.39 -24.51
CA GLU B 50 -12.28 -3.27 -25.36
C GLU B 50 -10.90 -3.50 -24.72
N ASP B 51 -10.64 -2.84 -23.60
CA ASP B 51 -9.35 -2.95 -22.93
C ASP B 51 -9.24 -4.25 -22.14
N LYS B 52 -8.60 -5.26 -22.71
CA LYS B 52 -8.48 -6.54 -22.03
C LYS B 52 -7.89 -6.44 -20.63
N ASP B 53 -6.72 -5.83 -20.49
CA ASP B 53 -6.07 -5.76 -19.18
C ASP B 53 -6.92 -5.06 -18.16
N TYR B 54 -7.49 -3.93 -18.55
CA TYR B 54 -8.35 -3.20 -17.65
C TYR B 54 -9.50 -4.10 -17.21
N ASN B 55 -10.17 -4.77 -18.16
CA ASN B 55 -11.27 -5.64 -17.77
C ASN B 55 -10.85 -6.75 -16.83
N GLU B 56 -9.71 -7.38 -17.12
CA GLU B 56 -9.21 -8.44 -16.26
C GLU B 56 -8.95 -7.90 -14.86
N LYS B 57 -8.23 -6.79 -14.76
CA LYS B 57 -7.96 -6.22 -13.45
C LYS B 57 -9.22 -5.97 -12.64
N MSE B 58 -10.14 -5.19 -13.20
CA MSE B 58 -11.32 -4.80 -12.43
C MSE B 58 -12.24 -5.94 -12.08
O MSE B 58 -12.84 -5.97 -11.02
CB MSE B 58 -12.08 -3.66 -13.11
CG MSE B 58 -13.17 -3.12 -12.22
SE MSE B 58 -14.16 -1.62 -12.98
CE MSE B 58 -12.73 -0.30 -12.93
N THR B 59 -12.35 -6.87 -13.01
CA THR B 59 -13.13 -8.09 -12.82
C THR B 59 -12.58 -8.75 -11.55
N GLY B 60 -11.26 -8.70 -11.42
CA GLY B 60 -10.58 -9.24 -10.25
C GLY B 60 -10.80 -8.46 -8.97
N VAL B 61 -10.68 -7.14 -8.98
CA VAL B 61 -10.85 -6.46 -7.70
C VAL B 61 -12.29 -6.12 -7.32
N SER B 62 -13.15 -5.83 -8.29
CA SER B 62 -14.51 -5.48 -7.95
C SER B 62 -15.57 -6.49 -8.42
N GLY B 63 -15.14 -7.51 -9.16
CA GLY B 63 -16.05 -8.54 -9.61
C GLY B 63 -16.62 -8.40 -11.02
N ILE B 64 -16.48 -7.22 -11.60
CA ILE B 64 -17.04 -6.93 -12.91
C ILE B 64 -16.26 -5.79 -13.61
N GLY B 65 -16.16 -5.88 -14.93
CA GLY B 65 -15.47 -4.88 -15.72
C GLY B 65 -16.41 -4.27 -16.74
N PRO B 66 -15.99 -3.16 -17.37
CA PRO B 66 -16.75 -2.42 -18.38
C PRO B 66 -17.39 -3.24 -19.48
N ALA B 67 -16.78 -4.37 -19.83
CA ALA B 67 -17.30 -5.16 -20.93
C ALA B 67 -18.63 -5.74 -20.59
N GLU B 68 -18.89 -5.82 -19.30
CA GLU B 68 -20.16 -6.31 -18.82
C GLU B 68 -21.03 -5.20 -18.25
N TYR B 69 -20.47 -4.23 -17.53
CA TYR B 69 -21.38 -3.27 -16.93
C TYR B 69 -21.90 -2.20 -17.86
N GLU B 70 -21.13 -1.85 -18.90
CA GLU B 70 -21.61 -0.83 -19.84
C GLU B 70 -22.89 -1.31 -20.56
N PRO B 71 -22.89 -2.52 -21.15
CA PRO B 71 -24.13 -2.97 -21.81
C PRO B 71 -25.24 -3.17 -20.76
N GLN B 72 -24.89 -3.51 -19.52
CA GLN B 72 -25.94 -3.71 -18.50
C GLN B 72 -26.60 -2.41 -18.09
N LEU B 73 -25.83 -1.33 -18.04
CA LEU B 73 -26.40 -0.01 -17.75
C LEU B 73 -27.31 0.35 -18.95
N GLU B 74 -26.78 0.19 -20.16
CA GLU B 74 -27.57 0.44 -21.35
C GLU B 74 -28.91 -0.28 -21.24
N LYS B 75 -28.90 -1.60 -21.05
CA LYS B 75 -30.15 -2.36 -20.90
C LYS B 75 -31.04 -1.83 -19.77
N ALA B 76 -30.45 -1.50 -18.62
CA ALA B 76 -31.24 -1.02 -17.49
C ALA B 76 -31.93 0.32 -17.69
N LEU B 77 -31.45 1.11 -18.65
CA LEU B 77 -32.03 2.40 -18.94
C LEU B 77 -33.26 2.16 -19.79
N ILE B 78 -33.13 1.24 -20.74
CA ILE B 78 -34.21 0.97 -21.64
C ILE B 78 -35.33 0.21 -20.92
N GLU B 79 -35.00 -0.41 -19.80
CA GLU B 79 -36.00 -1.16 -19.04
C GLU B 79 -36.69 -0.25 -18.01
N LYS B 80 -35.95 0.60 -17.33
CA LYS B 80 -36.56 1.55 -16.40
C LYS B 80 -37.25 2.66 -17.18
N GLN B 81 -36.74 2.97 -18.36
CA GLN B 81 -37.26 4.05 -19.17
C GLN B 81 -37.09 5.39 -18.47
N SER B 82 -36.37 5.41 -17.35
CA SER B 82 -36.07 6.66 -16.68
C SER B 82 -34.64 6.61 -16.14
N SER B 83 -34.11 7.78 -15.82
CA SER B 83 -32.74 7.89 -15.35
C SER B 83 -32.50 7.15 -14.06
N ASP B 84 -33.57 6.81 -13.37
CA ASP B 84 -33.43 6.18 -12.06
C ASP B 84 -33.36 4.67 -12.11
N ILE B 85 -32.16 4.16 -12.33
CA ILE B 85 -31.94 2.72 -12.43
C ILE B 85 -31.17 2.24 -11.21
N ASP B 86 -31.17 0.94 -10.96
CA ASP B 86 -30.45 0.41 -9.80
C ASP B 86 -28.97 0.29 -10.12
N VAL B 87 -28.13 0.70 -9.18
CA VAL B 87 -26.68 0.63 -9.39
C VAL B 87 -26.25 -0.80 -9.57
N ILE B 88 -25.15 -0.98 -10.29
CA ILE B 88 -24.69 -2.32 -10.53
C ILE B 88 -23.62 -2.73 -9.53
N THR B 89 -23.93 -3.78 -8.79
CA THR B 89 -23.03 -4.34 -7.77
C THR B 89 -21.68 -4.43 -8.45
N GLY B 90 -20.64 -3.91 -7.80
CA GLY B 90 -19.29 -3.93 -8.35
C GLY B 90 -18.92 -2.71 -9.20
N ALA B 91 -19.93 -2.00 -9.70
CA ALA B 91 -19.67 -0.84 -10.55
C ALA B 91 -20.46 0.38 -10.08
N THR B 92 -20.24 0.77 -8.82
CA THR B 92 -20.97 1.90 -8.24
C THR B 92 -20.61 3.22 -8.90
N SER B 93 -19.31 3.49 -8.95
CA SER B 93 -18.83 4.69 -9.61
C SER B 93 -19.46 4.84 -10.99
N SER B 94 -19.29 3.82 -11.82
CA SER B 94 -19.78 3.89 -13.19
C SER B 94 -21.27 4.02 -13.26
N SER B 95 -21.94 3.42 -12.29
CA SER B 95 -23.39 3.48 -12.21
C SER B 95 -23.83 4.90 -11.90
N ASN B 96 -23.17 5.55 -10.93
CA ASN B 96 -23.53 6.92 -10.54
C ASN B 96 -23.27 7.89 -11.69
N GLN B 97 -22.09 7.83 -12.27
CA GLN B 97 -21.72 8.66 -13.41
C GLN B 97 -22.72 8.44 -14.53
N PHE B 98 -23.14 7.19 -14.69
CA PHE B 98 -24.12 6.85 -15.72
C PHE B 98 -25.46 7.56 -15.44
N LYS B 99 -25.88 7.48 -14.17
CA LYS B 99 -27.18 8.04 -13.78
C LYS B 99 -27.25 9.51 -14.11
N LYS B 100 -26.23 10.25 -13.70
CA LYS B 100 -26.12 11.67 -14.00
C LYS B 100 -26.27 11.90 -15.52
N LEU B 101 -25.40 11.28 -16.32
CA LEU B 101 -25.46 11.47 -17.77
C LEU B 101 -26.84 11.11 -18.32
N ALA B 102 -27.54 10.19 -17.64
CA ALA B 102 -28.89 9.78 -18.06
C ALA B 102 -29.91 10.90 -17.83
N GLU B 103 -29.87 11.51 -16.65
CA GLU B 103 -30.73 12.65 -16.34
C GLU B 103 -30.51 13.72 -17.43
N LYS B 104 -29.26 14.11 -17.65
CA LYS B 104 -28.95 15.15 -18.60
C LYS B 104 -29.37 14.88 -20.05
N VAL B 105 -29.26 13.64 -20.48
CA VAL B 105 -29.60 13.28 -21.86
C VAL B 105 -31.12 13.14 -22.05
N LEU B 106 -31.83 12.93 -20.94
CA LEU B 106 -33.29 12.80 -20.97
C LEU B 106 -33.90 14.22 -21.00
N LYS B 107 -33.32 15.12 -20.22
CA LYS B 107 -33.67 16.54 -20.28
C LYS B 107 -33.49 16.98 -21.78
N ASN B 108 -32.27 16.82 -22.32
CA ASN B 108 -32.00 17.18 -23.72
C ASN B 108 -33.02 16.62 -24.69
N ALA B 109 -33.58 15.47 -24.36
CA ALA B 109 -34.54 14.83 -25.24
C ALA B 109 -35.89 15.52 -25.14
N GLU B 110 -36.18 16.07 -23.96
CA GLU B 110 -37.43 16.77 -23.76
C GLU B 110 -37.45 18.09 -24.52
N GLU B 111 -36.31 18.78 -24.53
CA GLU B 111 -36.19 20.04 -25.26
C GLU B 111 -36.03 19.81 -26.77
N GLY B 112 -35.54 18.63 -27.17
CA GLY B 112 -35.25 18.40 -28.58
C GLY B 112 -33.86 18.93 -28.94
N LYS B 113 -32.98 19.06 -27.95
CA LYS B 113 -31.59 19.48 -28.20
C LYS B 113 -30.89 18.24 -28.78
N THR B 114 -30.54 18.30 -30.05
CA THR B 114 -29.91 17.18 -30.73
C THR B 114 -28.41 17.31 -30.84
N GLU B 115 -27.85 18.38 -30.29
CA GLU B 115 -26.41 18.56 -30.39
C GLU B 115 -25.66 17.98 -29.19
N ALA B 116 -24.52 17.36 -29.47
CA ALA B 116 -23.70 16.79 -28.41
C ALA B 116 -23.46 17.87 -27.36
N THR B 117 -23.84 17.57 -26.12
CA THR B 117 -23.63 18.51 -25.05
C THR B 117 -22.73 17.95 -23.97
N LEU B 118 -21.95 18.83 -23.35
CA LEU B 118 -21.09 18.43 -22.27
C LEU B 118 -21.87 18.52 -20.96
N VAL B 119 -21.40 17.76 -19.99
CA VAL B 119 -22.00 17.66 -18.67
C VAL B 119 -20.80 17.65 -17.76
N ASP B 120 -20.72 18.61 -16.83
CA ASP B 120 -19.58 18.64 -15.92
C ASP B 120 -19.95 17.91 -14.64
N LEU B 121 -19.04 17.05 -14.18
CA LEU B 121 -19.30 16.21 -13.02
C LEU B 121 -18.35 16.49 -11.86
N GLU B 122 -17.20 17.06 -12.16
CA GLU B 122 -16.24 17.40 -11.11
C GLU B 122 -16.82 18.53 -10.22
N MSE C 1 -24.38 16.77 17.55
CA MSE C 1 -23.82 17.82 16.65
C MSE C 1 -22.31 17.95 16.82
O MSE C 1 -21.74 17.66 17.88
CB MSE C 1 -24.48 19.17 16.95
CG MSE C 1 -24.11 19.76 18.31
SE MSE C 1 -24.22 21.72 18.40
CE MSE C 1 -22.75 22.20 17.21
N LEU C 2 -21.65 18.39 15.75
CA LEU C 2 -20.20 18.56 15.78
C LEU C 2 -19.79 19.96 16.23
N LYS C 3 -18.91 20.01 17.23
CA LYS C 3 -18.41 21.26 17.79
C LYS C 3 -17.22 21.79 16.99
N ASP C 4 -17.13 23.10 16.84
CA ASP C 4 -16.04 23.69 16.06
C ASP C 4 -14.68 23.46 16.68
N GLY C 5 -13.66 23.46 15.82
CA GLY C 5 -12.30 23.19 16.26
C GLY C 5 -11.58 22.18 15.39
N ASP C 6 -10.51 21.61 15.95
CA ASP C 6 -9.64 20.66 15.26
C ASP C 6 -9.50 19.39 16.07
N TYR C 7 -9.81 18.24 15.45
CA TYR C 7 -9.73 16.95 16.15
C TYR C 7 -8.77 15.97 15.50
N THR C 8 -8.12 15.17 16.33
CA THR C 8 -7.11 14.26 15.85
C THR C 8 -7.02 12.96 16.63
N VAL C 9 -7.00 11.88 15.87
CA VAL C 9 -6.98 10.57 16.45
C VAL C 9 -5.91 9.77 15.70
N GLU C 10 -5.26 8.83 16.38
CA GLU C 10 -4.17 8.09 15.74
C GLU C 10 -4.00 6.69 16.30
N THR C 11 -3.61 5.74 15.45
CA THR C 11 -3.45 4.37 15.89
C THR C 11 -2.37 4.23 16.96
N ALA C 12 -2.68 3.49 18.02
CA ALA C 12 -1.73 3.28 19.11
C ALA C 12 -0.44 2.64 18.62
N LYS C 13 -0.58 1.59 17.82
CA LYS C 13 0.60 0.87 17.31
C LYS C 13 0.49 0.48 15.85
N ALA C 14 1.62 0.20 15.23
CA ALA C 14 1.62 -0.13 13.82
C ALA C 14 1.00 -1.48 13.48
N ASP C 15 0.43 -1.59 12.28
CA ASP C 15 -0.14 -2.84 11.83
C ASP C 15 1.00 -3.84 11.47
N ASP C 16 0.59 -5.02 11.05
CA ASP C 16 1.49 -6.10 10.68
C ASP C 16 2.61 -5.61 9.74
N HIS C 17 2.31 -4.65 8.89
CA HIS C 17 3.31 -4.12 7.96
C HIS C 17 4.08 -2.91 8.46
N GLY C 18 3.96 -2.61 9.75
CA GLY C 18 4.69 -1.50 10.34
C GLY C 18 4.11 -0.11 10.11
N TYR C 19 2.89 -0.06 9.60
CA TYR C 19 2.23 1.21 9.36
C TYR C 19 1.21 1.59 10.42
N LYS C 20 1.22 2.88 10.75
CA LYS C 20 0.23 3.45 11.66
C LYS C 20 -0.63 4.34 10.76
N ALA C 21 -1.71 4.84 11.33
CA ALA C 21 -2.57 5.75 10.59
C ALA C 21 -3.04 6.86 11.51
N LYS C 22 -3.29 8.02 10.91
CA LYS C 22 -3.72 9.21 11.64
C LYS C 22 -4.83 9.95 10.89
N LEU C 23 -5.89 10.33 11.60
CA LEU C 23 -6.95 11.15 10.99
C LEU C 23 -7.12 12.51 11.70
N SER C 24 -7.20 13.57 10.90
CA SER C 24 -7.41 14.92 11.43
C SER C 24 -8.53 15.63 10.70
N ILE C 25 -9.38 16.30 11.48
CA ILE C 25 -10.47 17.06 10.92
C ILE C 25 -10.68 18.44 11.55
N LYS C 26 -11.09 19.37 10.70
CA LYS C 26 -11.48 20.69 11.14
C LYS C 26 -13.01 20.84 10.99
N VAL C 27 -13.69 21.20 12.08
CA VAL C 27 -15.12 21.47 11.99
C VAL C 27 -15.36 23.00 12.01
N SER C 28 -15.96 23.50 10.93
CA SER C 28 -16.30 24.91 10.85
C SER C 28 -17.83 25.07 10.70
N ASP C 29 -18.45 25.54 11.77
CA ASP C 29 -19.90 25.75 11.81
C ASP C 29 -20.65 24.44 11.79
N GLY C 30 -20.19 23.51 12.63
CA GLY C 30 -20.82 22.20 12.74
C GLY C 30 -20.57 21.23 11.61
N LYS C 31 -19.96 21.73 10.53
CA LYS C 31 -19.61 20.88 9.40
C LYS C 31 -18.12 20.48 9.36
N ILE C 32 -17.85 19.27 8.87
CA ILE C 32 -16.44 18.87 8.63
C ILE C 32 -16.05 19.65 7.35
N THR C 33 -15.00 20.44 7.49
CA THR C 33 -14.52 21.37 6.48
C THR C 33 -13.21 20.94 5.87
N GLU C 34 -12.40 20.31 6.69
CA GLU C 34 -11.16 19.80 6.18
C GLU C 34 -10.81 18.50 6.88
N ALA C 35 -10.34 17.55 6.09
CA ALA C 35 -9.88 16.31 6.67
C ALA C 35 -8.54 15.88 6.08
N LYS C 36 -7.66 15.40 6.95
CA LYS C 36 -6.36 14.90 6.54
C LYS C 36 -6.16 13.48 7.06
N TYR C 37 -5.99 12.55 6.13
CA TYR C 37 -5.79 11.16 6.49
C TYR C 37 -4.45 10.67 5.97
N ASN C 38 -3.63 10.15 6.87
CA ASN C 38 -2.34 9.61 6.50
C ASN C 38 -1.98 8.28 7.15
N GLU C 39 -1.58 7.34 6.30
CA GLU C 39 -1.03 6.09 6.78
C GLU C 39 0.48 6.35 6.63
N PHE C 40 1.24 6.06 7.69
CA PHE C 40 2.65 6.35 7.67
C PHE C 40 3.49 5.36 8.43
N ASN C 41 4.72 5.20 7.95
CA ASN C 41 5.73 4.37 8.59
C ASN C 41 5.83 4.81 10.07
N GLY C 42 5.44 3.92 10.96
CA GLY C 42 5.43 4.22 12.37
C GLY C 42 6.73 4.67 13.01
N GLU C 43 7.84 4.23 12.45
CA GLU C 43 9.15 4.55 13.01
C GLU C 43 9.92 5.65 12.32
N THR C 44 9.65 5.84 11.04
CA THR C 44 10.36 6.86 10.27
C THR C 44 9.45 8.00 9.87
N ASN C 45 8.17 7.86 10.20
CA ASN C 45 7.12 8.81 9.83
C ASN C 45 7.04 9.10 8.33
N ALA C 46 7.60 8.20 7.52
CA ALA C 46 7.53 8.42 6.08
C ALA C 46 6.06 8.18 5.66
N MSE C 47 5.56 9.12 4.86
CA MSE C 47 4.16 9.12 4.45
C MSE C 47 3.91 8.19 3.31
O MSE C 47 4.42 8.39 2.21
CB MSE C 47 3.73 10.56 4.12
CG MSE C 47 3.67 11.53 5.33
SE MSE C 47 2.33 11.10 6.68
CE MSE C 47 3.34 11.30 8.34
N LYS C 48 3.08 7.17 3.56
CA LYS C 48 2.82 6.16 2.54
C LYS C 48 2.34 6.68 1.18
N ARG C 49 1.78 7.88 1.15
CA ARG C 49 1.33 8.47 -0.12
C ARG C 49 2.43 9.24 -0.82
N GLU C 50 3.56 9.40 -0.16
CA GLU C 50 4.69 10.10 -0.76
C GLU C 50 5.56 9.08 -1.46
N ASP C 51 5.30 7.80 -1.18
CA ASP C 51 6.12 6.68 -1.69
C ASP C 51 5.74 6.35 -3.12
N LYS C 52 6.51 6.92 -4.05
CA LYS C 52 6.18 6.82 -5.46
C LYS C 52 6.05 5.41 -5.93
N ASP C 53 7.10 4.64 -5.70
CA ASP C 53 7.14 3.25 -6.11
C ASP C 53 5.97 2.46 -5.57
N TYR C 54 5.79 2.51 -4.26
CA TYR C 54 4.70 1.81 -3.61
C TYR C 54 3.39 2.18 -4.30
N ASN C 55 3.27 3.46 -4.67
CA ASN C 55 2.03 3.90 -5.28
C ASN C 55 1.84 3.42 -6.72
N GLU C 56 2.94 3.12 -7.41
CA GLU C 56 2.89 2.64 -8.78
C GLU C 56 2.49 1.17 -8.81
N LYS C 57 2.99 0.43 -7.83
CA LYS C 57 2.76 -1.00 -7.73
C LYS C 57 1.36 -1.22 -7.26
N MSE C 58 1.02 -0.55 -6.17
CA MSE C 58 -0.31 -0.61 -5.60
C MSE C 58 -1.36 -0.41 -6.70
O MSE C 58 -2.32 -1.17 -6.79
CB MSE C 58 -0.44 0.48 -4.55
CG MSE C 58 -1.81 0.57 -3.95
SE MSE C 58 -2.04 -0.55 -2.39
CE MSE C 58 -2.11 -2.29 -3.29
N THR C 59 -1.16 0.62 -7.54
CA THR C 59 -2.07 0.90 -8.65
C THR C 59 -2.04 -0.25 -9.63
N GLY C 60 -0.84 -0.78 -9.88
CA GLY C 60 -0.70 -1.92 -10.78
C GLY C 60 -1.53 -3.10 -10.30
N VAL C 61 -1.49 -3.35 -9.00
CA VAL C 61 -2.22 -4.47 -8.45
C VAL C 61 -3.73 -4.27 -8.38
N SER C 62 -4.16 -3.25 -7.63
CA SER C 62 -5.57 -3.00 -7.34
C SER C 62 -6.21 -1.88 -8.10
N GLY C 63 -5.39 -1.06 -8.76
CA GLY C 63 -5.91 0.07 -9.52
C GLY C 63 -5.81 1.44 -8.84
N ILE C 64 -5.47 1.46 -7.55
CA ILE C 64 -5.35 2.72 -6.82
C ILE C 64 -4.35 2.71 -5.67
N GLY C 65 -3.46 3.70 -5.63
CA GLY C 65 -2.50 3.78 -4.54
C GLY C 65 -2.87 4.75 -3.44
N PRO C 66 -2.12 4.77 -2.33
CA PRO C 66 -2.46 5.71 -1.26
C PRO C 66 -2.60 7.15 -1.77
N ALA C 67 -1.73 7.55 -2.70
CA ALA C 67 -1.72 8.93 -3.18
C ALA C 67 -3.05 9.39 -3.71
N GLU C 68 -3.88 8.43 -4.07
CA GLU C 68 -5.19 8.77 -4.57
C GLU C 68 -6.32 8.38 -3.64
N TYR C 69 -6.21 7.25 -2.96
CA TYR C 69 -7.30 6.86 -2.09
C TYR C 69 -7.34 7.61 -0.76
N GLU C 70 -6.20 8.14 -0.33
CA GLU C 70 -6.18 8.85 0.95
C GLU C 70 -6.93 10.17 0.81
N PRO C 71 -6.70 10.89 -0.31
CA PRO C 71 -7.45 12.14 -0.47
C PRO C 71 -8.93 11.84 -0.76
N GLN C 72 -9.22 10.75 -1.48
CA GLN C 72 -10.62 10.42 -1.81
C GLN C 72 -11.44 10.15 -0.55
N LEU C 73 -10.86 9.43 0.39
CA LEU C 73 -11.52 9.14 1.66
C LEU C 73 -11.73 10.44 2.43
N GLU C 74 -10.90 11.44 2.14
CA GLU C 74 -10.98 12.72 2.82
C GLU C 74 -12.18 13.47 2.29
N LYS C 75 -12.21 13.64 0.97
CA LYS C 75 -13.31 14.30 0.29
C LYS C 75 -14.62 13.63 0.65
N ALA C 76 -14.62 12.30 0.57
CA ALA C 76 -15.82 11.52 0.81
C ALA C 76 -16.36 11.60 2.22
N LEU C 77 -15.47 11.85 3.19
CA LEU C 77 -15.88 12.02 4.59
C LEU C 77 -16.46 13.42 4.75
N ILE C 78 -15.99 14.34 3.91
CA ILE C 78 -16.43 15.74 3.92
C ILE C 78 -17.78 15.83 3.22
N GLU C 79 -18.01 14.93 2.27
CA GLU C 79 -19.25 14.91 1.52
C GLU C 79 -20.35 14.12 2.25
N LYS C 80 -19.99 13.47 3.35
CA LYS C 80 -20.93 12.62 4.07
C LYS C 80 -21.23 13.05 5.48
N GLN C 81 -20.34 13.86 6.02
CA GLN C 81 -20.53 14.36 7.37
C GLN C 81 -20.74 13.28 8.41
N SER C 82 -20.36 12.05 8.08
CA SER C 82 -20.44 10.94 9.02
C SER C 82 -19.39 9.87 8.68
N SER C 83 -19.09 9.01 9.64
CA SER C 83 -18.07 7.99 9.45
C SER C 83 -18.48 6.90 8.47
N ASP C 84 -19.76 6.84 8.16
CA ASP C 84 -20.28 5.82 7.27
C ASP C 84 -20.20 6.15 5.79
N ILE C 85 -19.00 6.08 5.23
CA ILE C 85 -18.84 6.30 3.81
C ILE C 85 -18.73 4.95 3.09
N ASP C 86 -19.05 4.94 1.81
CA ASP C 86 -18.86 3.72 1.02
C ASP C 86 -17.36 3.41 1.10
N VAL C 87 -16.98 2.14 0.94
CA VAL C 87 -15.56 1.81 0.90
C VAL C 87 -15.11 2.05 -0.55
N ILE C 88 -13.80 2.21 -0.74
CA ILE C 88 -13.22 2.45 -2.05
C ILE C 88 -12.66 1.11 -2.55
N THR C 89 -13.29 0.52 -3.55
CA THR C 89 -12.85 -0.79 -4.00
C THR C 89 -11.40 -0.72 -4.40
N GLY C 90 -10.63 -1.72 -3.96
CA GLY C 90 -9.20 -1.74 -4.25
C GLY C 90 -8.39 -1.14 -3.11
N ALA C 91 -9.08 -0.64 -2.08
CA ALA C 91 -8.46 -0.07 -0.90
C ALA C 91 -9.48 -0.23 0.23
N THR C 92 -10.08 -1.42 0.26
CA THR C 92 -11.08 -1.81 1.24
C THR C 92 -10.54 -1.79 2.67
N SER C 93 -9.32 -2.30 2.84
CA SER C 93 -8.65 -2.34 4.14
C SER C 93 -8.40 -0.91 4.73
N SER C 94 -7.97 0.03 3.89
CA SER C 94 -7.74 1.40 4.36
C SER C 94 -9.10 2.04 4.65
N SER C 95 -10.03 1.88 3.70
CA SER C 95 -11.37 2.41 3.85
C SER C 95 -11.88 2.03 5.23
N ASN C 96 -11.74 0.75 5.57
CA ASN C 96 -12.24 0.26 6.84
C ASN C 96 -11.51 0.87 8.02
N GLN C 97 -10.18 1.01 7.89
CA GLN C 97 -9.35 1.62 8.93
C GLN C 97 -9.81 3.08 9.09
N PHE C 98 -9.74 3.82 8.00
CA PHE C 98 -10.24 5.19 8.00
C PHE C 98 -11.61 5.29 8.71
N LYS C 99 -12.63 4.58 8.21
CA LYS C 99 -13.99 4.67 8.76
C LYS C 99 -14.09 4.53 10.26
N LYS C 100 -13.31 3.61 10.81
CA LYS C 100 -13.25 3.41 12.27
C LYS C 100 -12.54 4.59 12.96
N LEU C 101 -11.61 5.26 12.27
CA LEU C 101 -10.92 6.39 12.89
C LEU C 101 -11.89 7.58 12.85
N ALA C 102 -12.67 7.67 11.77
CA ALA C 102 -13.67 8.72 11.63
C ALA C 102 -14.69 8.50 12.76
N GLU C 103 -14.96 7.26 13.11
CA GLU C 103 -15.87 7.03 14.20
C GLU C 103 -15.35 7.71 15.46
N LYS C 104 -14.08 7.48 15.78
CA LYS C 104 -13.51 8.00 17.01
C LYS C 104 -13.34 9.49 17.04
N VAL C 105 -12.99 10.07 15.90
CA VAL C 105 -12.76 11.51 15.84
C VAL C 105 -14.05 12.31 15.83
N LEU C 106 -15.08 11.80 15.14
CA LEU C 106 -16.39 12.45 15.10
C LEU C 106 -17.01 12.42 16.49
N LYS C 107 -16.77 11.32 17.21
CA LYS C 107 -17.20 11.21 18.61
C LYS C 107 -16.50 12.31 19.41
N ASN C 108 -15.17 12.39 19.29
CA ASN C 108 -14.39 13.41 19.99
C ASN C 108 -14.86 14.82 19.60
N ALA C 109 -15.35 14.98 18.37
CA ALA C 109 -15.83 16.29 17.93
C ALA C 109 -17.13 16.68 18.62
N GLU C 110 -17.97 15.70 18.93
CA GLU C 110 -19.22 15.98 19.63
C GLU C 110 -18.96 16.28 21.11
N GLU C 111 -17.83 15.79 21.60
CA GLU C 111 -17.44 16.02 22.99
C GLU C 111 -16.43 17.16 23.07
N GLY C 112 -16.28 17.86 21.95
CA GLY C 112 -15.37 19.00 21.87
C GLY C 112 -13.97 18.89 22.45
N LYS C 113 -13.37 17.69 22.43
CA LYS C 113 -11.99 17.57 22.93
C LYS C 113 -11.02 17.69 21.75
N THR C 114 -10.26 18.77 21.77
CA THR C 114 -9.32 19.10 20.70
C THR C 114 -8.07 18.25 20.80
N GLU C 115 -7.86 17.68 21.99
CA GLU C 115 -6.70 16.86 22.24
C GLU C 115 -6.63 15.60 21.39
N ALA C 116 -5.39 15.15 21.14
CA ALA C 116 -5.12 13.97 20.34
C ALA C 116 -5.24 12.68 21.13
N THR C 117 -5.99 11.72 20.60
CA THR C 117 -6.15 10.43 21.25
C THR C 117 -5.53 9.29 20.45
N LEU C 118 -5.17 8.22 21.16
CA LEU C 118 -4.65 7.01 20.52
C LEU C 118 -5.81 5.99 20.49
N VAL C 119 -5.75 5.08 19.52
CA VAL C 119 -6.86 4.17 19.23
C VAL C 119 -6.37 2.83 18.69
N ASP C 120 -7.30 1.88 18.51
CA ASP C 120 -6.98 0.56 17.93
C ASP C 120 -7.83 0.32 16.64
N MSE D 1 30.74 -29.48 35.79
CA MSE D 1 31.06 -28.06 36.10
C MSE D 1 31.73 -27.42 34.89
O MSE D 1 32.30 -28.10 34.04
CB MSE D 1 32.00 -27.98 37.29
CG MSE D 1 33.13 -28.99 37.22
SE MSE D 1 34.93 -28.31 37.42
CE MSE D 1 35.77 -29.91 38.19
N LEU D 2 31.66 -26.10 34.84
CA LEU D 2 32.23 -25.37 33.75
C LEU D 2 33.71 -25.05 33.94
N LYS D 3 34.52 -25.36 32.95
CA LYS D 3 35.94 -25.00 33.01
C LYS D 3 36.05 -23.53 32.54
N ASP D 4 36.92 -22.78 33.22
CA ASP D 4 37.15 -21.37 32.92
C ASP D 4 37.74 -21.11 31.55
N GLY D 5 37.52 -19.92 31.00
CA GLY D 5 38.06 -19.63 29.70
C GLY D 5 37.07 -18.95 28.79
N ASP D 6 37.44 -18.80 27.53
CA ASP D 6 36.59 -18.16 26.53
C ASP D 6 36.09 -19.18 25.52
N TYR D 7 34.79 -19.23 25.33
CA TYR D 7 34.18 -20.16 24.39
C TYR D 7 33.34 -19.44 23.34
N THR D 8 33.35 -19.97 22.13
CA THR D 8 32.55 -19.40 21.08
C THR D 8 31.82 -20.41 20.20
N VAL D 9 30.54 -20.15 19.97
CA VAL D 9 29.76 -20.96 19.04
C VAL D 9 29.23 -20.00 17.96
N GLU D 10 28.94 -20.56 16.80
CA GLU D 10 28.45 -19.76 15.69
C GLU D 10 27.67 -20.66 14.76
N THR D 11 26.61 -20.11 14.18
CA THR D 11 25.79 -20.86 13.23
C THR D 11 26.59 -21.21 11.97
N ALA D 12 26.46 -22.45 11.53
CA ALA D 12 27.18 -22.97 10.36
C ALA D 12 26.80 -22.27 9.06
N LYS D 13 25.51 -21.99 8.87
CA LYS D 13 25.15 -21.26 7.66
C LYS D 13 24.11 -20.17 7.87
N ALA D 14 24.19 -19.13 7.03
CA ALA D 14 23.23 -18.02 7.02
C ALA D 14 21.78 -18.54 6.93
N ASP D 15 20.88 -17.91 7.68
CA ASP D 15 19.47 -18.28 7.69
C ASP D 15 18.78 -17.80 6.42
N ASP D 16 17.45 -17.90 6.38
CA ASP D 16 16.72 -17.50 5.18
C ASP D 16 17.00 -16.07 4.71
N HIS D 17 17.23 -15.16 5.66
CA HIS D 17 17.48 -13.77 5.31
C HIS D 17 18.94 -13.35 5.18
N GLY D 18 19.82 -14.30 5.50
CA GLY D 18 21.24 -14.08 5.28
C GLY D 18 22.01 -13.75 6.50
N TYR D 19 21.41 -14.01 7.64
CA TYR D 19 22.06 -13.71 8.89
C TYR D 19 22.54 -14.95 9.63
N LYS D 20 23.75 -14.83 10.16
CA LYS D 20 24.28 -15.84 11.07
C LYS D 20 24.11 -15.30 12.51
N ALA D 21 24.59 -16.06 13.50
CA ALA D 21 24.48 -15.66 14.88
C ALA D 21 25.63 -16.31 15.65
N LYS D 22 26.30 -15.49 16.44
CA LYS D 22 27.46 -15.87 17.18
C LYS D 22 27.22 -15.68 18.66
N LEU D 23 27.76 -16.57 19.48
CA LEU D 23 27.61 -16.36 20.91
C LEU D 23 28.93 -16.69 21.61
N SER D 24 29.35 -15.81 22.50
CA SER D 24 30.60 -15.97 23.21
C SER D 24 30.32 -15.82 24.67
N ILE D 25 31.00 -16.63 25.47
CA ILE D 25 30.85 -16.47 26.89
C ILE D 25 32.23 -16.50 27.52
N LYS D 26 32.31 -16.05 28.75
CA LYS D 26 33.54 -16.12 29.48
C LYS D 26 33.13 -16.84 30.74
N VAL D 27 33.97 -17.75 31.21
CA VAL D 27 33.69 -18.50 32.41
C VAL D 27 34.79 -18.26 33.44
N SER D 28 34.41 -17.77 34.62
CA SER D 28 35.36 -17.51 35.68
C SER D 28 34.81 -18.13 36.94
N ASP D 29 35.66 -18.84 37.66
CA ASP D 29 35.22 -19.51 38.89
C ASP D 29 34.05 -20.42 38.53
N GLY D 30 34.08 -21.00 37.33
CA GLY D 30 33.02 -21.91 36.89
C GLY D 30 31.66 -21.28 36.65
N LYS D 31 31.63 -19.96 36.50
CA LYS D 31 30.39 -19.22 36.27
C LYS D 31 30.47 -18.37 35.00
N ILE D 32 29.38 -18.33 34.22
CA ILE D 32 29.34 -17.45 33.03
C ILE D 32 29.30 -16.04 33.61
N THR D 33 30.27 -15.24 33.18
CA THR D 33 30.50 -13.94 33.76
C THR D 33 30.40 -12.81 32.75
N GLU D 34 30.48 -13.19 31.49
CA GLU D 34 30.27 -12.25 30.41
C GLU D 34 29.55 -13.07 29.33
N ALA D 35 28.95 -12.38 28.36
CA ALA D 35 28.25 -13.05 27.27
C ALA D 35 27.91 -12.07 26.15
N LYS D 36 28.38 -12.36 24.93
CA LYS D 36 28.07 -11.52 23.78
C LYS D 36 27.39 -12.31 22.65
N TYR D 37 26.14 -11.95 22.37
CA TYR D 37 25.36 -12.57 21.31
C TYR D 37 25.02 -11.60 20.19
N ASN D 38 25.65 -11.80 19.05
CA ASN D 38 25.37 -11.00 17.88
C ASN D 38 24.82 -11.79 16.67
N GLU D 39 23.59 -11.48 16.25
CA GLU D 39 23.13 -12.03 14.96
C GLU D 39 23.85 -11.04 14.01
N PHE D 40 24.25 -11.49 12.83
CA PHE D 40 25.02 -10.65 11.92
C PHE D 40 24.93 -11.10 10.48
N ASN D 41 25.33 -10.22 9.57
CA ASN D 41 25.20 -10.51 8.15
C ASN D 41 26.33 -11.37 7.66
N GLY D 42 25.98 -12.52 7.09
CA GLY D 42 26.97 -13.47 6.64
C GLY D 42 27.96 -12.94 5.63
N GLU D 43 27.50 -12.10 4.72
CA GLU D 43 28.40 -11.57 3.71
C GLU D 43 29.22 -10.38 4.16
N THR D 44 28.59 -9.44 4.85
CA THR D 44 29.27 -8.20 5.22
C THR D 44 29.81 -8.16 6.62
N ASN D 45 29.19 -8.95 7.49
CA ASN D 45 29.60 -9.04 8.87
C ASN D 45 29.00 -7.91 9.72
N ALA D 46 28.25 -7.03 9.08
CA ALA D 46 27.55 -5.98 9.79
C ALA D 46 26.74 -6.61 10.90
N MSE D 47 26.88 -6.07 12.11
CA MSE D 47 26.10 -6.52 13.25
C MSE D 47 24.66 -6.03 13.10
O MSE D 47 24.40 -4.91 12.64
CB MSE D 47 26.65 -5.94 14.56
CG MSE D 47 28.09 -6.34 14.86
SE MSE D 47 28.37 -8.29 14.90
CE MSE D 47 30.30 -8.32 15.20
N LYS D 48 23.71 -6.86 13.53
CA LYS D 48 22.31 -6.51 13.43
C LYS D 48 21.90 -5.46 14.45
N ARG D 49 22.49 -5.50 15.64
CA ARG D 49 22.09 -4.56 16.68
C ARG D 49 22.55 -3.13 16.41
N GLU D 50 23.32 -2.95 15.35
CA GLU D 50 23.82 -1.63 14.97
C GLU D 50 23.18 -1.18 13.66
N ASP D 51 22.29 -1.99 13.09
CA ASP D 51 21.64 -1.63 11.84
C ASP D 51 20.37 -0.83 12.18
N LYS D 52 20.39 0.47 11.87
CA LYS D 52 19.25 1.34 12.22
C LYS D 52 18.01 0.92 11.47
N ASP D 53 18.17 0.73 10.16
CA ASP D 53 17.12 0.23 9.30
C ASP D 53 16.49 -0.99 9.96
N TYR D 54 17.33 -1.99 10.24
CA TYR D 54 16.82 -3.24 10.76
C TYR D 54 16.02 -3.14 12.02
N ASN D 55 16.46 -2.32 12.97
CA ASN D 55 15.74 -2.17 14.23
C ASN D 55 14.45 -1.39 14.09
N GLU D 56 14.41 -0.46 13.14
CA GLU D 56 13.20 0.31 12.87
C GLU D 56 12.21 -0.71 12.30
N LYS D 57 12.53 -1.20 11.11
CA LYS D 57 11.75 -2.21 10.42
C LYS D 57 11.17 -3.22 11.41
N MSE D 58 12.00 -3.73 12.31
CA MSE D 58 11.53 -4.76 13.22
C MSE D 58 10.72 -4.30 14.42
O MSE D 58 9.84 -5.03 14.88
CB MSE D 58 12.71 -5.60 13.68
CG MSE D 58 12.31 -6.59 14.74
SE MSE D 58 13.18 -8.28 14.44
CE MSE D 58 12.54 -8.54 12.60
N THR D 59 11.02 -3.11 14.92
CA THR D 59 10.24 -2.56 16.03
C THR D 59 8.82 -2.34 15.50
N GLY D 60 8.70 -1.97 14.22
CA GLY D 60 7.41 -1.76 13.59
C GLY D 60 6.58 -3.03 13.52
N VAL D 61 7.06 -4.02 12.78
CA VAL D 61 6.36 -5.28 12.66
C VAL D 61 6.10 -6.00 13.98
N SER D 62 7.16 -6.28 14.75
CA SER D 62 7.01 -7.07 15.98
C SER D 62 7.06 -6.37 17.31
N GLY D 63 7.45 -5.11 17.31
CA GLY D 63 7.50 -4.36 18.56
C GLY D 63 8.77 -4.45 19.38
N ILE D 64 9.85 -4.91 18.76
CA ILE D 64 11.15 -5.00 19.42
C ILE D 64 12.29 -5.31 18.41
N GLY D 65 13.44 -4.68 18.61
CA GLY D 65 14.57 -4.90 17.71
C GLY D 65 15.76 -5.60 18.37
N PRO D 66 16.75 -6.01 17.56
CA PRO D 66 17.98 -6.70 17.98
C PRO D 66 18.77 -5.86 18.99
N ALA D 67 18.72 -4.54 18.83
CA ALA D 67 19.42 -3.62 19.72
C ALA D 67 18.87 -3.71 21.15
N GLU D 68 17.63 -4.19 21.29
CA GLU D 68 17.04 -4.37 22.59
C GLU D 68 17.16 -5.84 23.07
N TYR D 69 16.84 -6.80 22.21
CA TYR D 69 16.81 -8.18 22.71
C TYR D 69 18.12 -8.94 22.81
N GLU D 70 19.10 -8.63 21.96
CA GLU D 70 20.38 -9.31 22.05
C GLU D 70 20.93 -9.12 23.46
N PRO D 71 21.00 -7.85 23.95
CA PRO D 71 21.51 -7.62 25.31
C PRO D 71 20.61 -8.23 26.39
N GLN D 72 19.30 -8.32 26.14
CA GLN D 72 18.42 -8.93 27.13
C GLN D 72 18.76 -10.41 27.31
N LEU D 73 19.05 -11.08 26.20
CA LEU D 73 19.36 -12.50 26.25
C LEU D 73 20.64 -12.73 27.02
N GLU D 74 21.67 -11.93 26.72
CA GLU D 74 22.95 -12.08 27.38
C GLU D 74 22.78 -12.00 28.87
N LYS D 75 21.85 -11.17 29.30
CA LYS D 75 21.62 -10.95 30.72
C LYS D 75 20.81 -12.10 31.30
N ALA D 76 19.93 -12.66 30.47
CA ALA D 76 19.14 -13.80 30.89
C ALA D 76 20.08 -15.01 31.10
N LEU D 77 21.04 -15.18 30.19
CA LEU D 77 22.00 -16.27 30.31
C LEU D 77 22.89 -16.14 31.54
N ILE D 78 23.44 -14.95 31.78
CA ILE D 78 24.34 -14.73 32.91
C ILE D 78 23.55 -14.75 34.20
N GLU D 79 22.24 -14.86 34.05
CA GLU D 79 21.35 -14.81 35.20
C GLU D 79 20.88 -16.18 35.57
N LYS D 80 20.58 -16.97 34.55
CA LYS D 80 20.13 -18.34 34.77
C LYS D 80 21.31 -19.33 34.83
N GLN D 81 22.49 -18.88 34.40
CA GLN D 81 23.65 -19.74 34.28
C GLN D 81 23.30 -21.04 33.54
N SER D 82 22.20 -21.04 32.78
CA SER D 82 21.89 -22.21 31.98
C SER D 82 21.25 -21.76 30.67
N SER D 83 21.03 -22.69 29.75
CA SER D 83 20.44 -22.34 28.46
C SER D 83 18.92 -22.31 28.54
N ASP D 84 18.39 -22.46 29.75
CA ASP D 84 16.95 -22.52 29.95
C ASP D 84 16.40 -21.13 30.27
N ILE D 85 16.35 -20.28 29.25
CA ILE D 85 15.87 -18.92 29.42
C ILE D 85 14.48 -18.73 28.83
N ASP D 86 13.75 -17.74 29.35
CA ASP D 86 12.43 -17.44 28.85
C ASP D 86 12.53 -16.76 27.48
N VAL D 87 11.82 -17.30 26.50
CA VAL D 87 11.81 -16.70 25.16
C VAL D 87 11.25 -15.29 25.28
N ILE D 88 11.75 -14.39 24.45
CA ILE D 88 11.36 -12.98 24.50
C ILE D 88 10.28 -12.66 23.48
N THR D 89 9.15 -12.17 23.98
CA THR D 89 8.01 -11.82 23.13
C THR D 89 8.40 -10.90 21.99
N GLY D 90 7.98 -11.27 20.77
CA GLY D 90 8.31 -10.46 19.61
C GLY D 90 9.64 -10.86 19.00
N ALA D 91 10.38 -11.69 19.73
CA ALA D 91 11.67 -12.16 19.26
C ALA D 91 11.73 -13.66 19.53
N THR D 92 10.65 -14.35 19.17
CA THR D 92 10.56 -15.77 19.43
C THR D 92 11.68 -16.52 18.74
N SER D 93 11.76 -16.34 17.43
CA SER D 93 12.77 -17.04 16.67
C SER D 93 14.15 -16.80 17.27
N SER D 94 14.59 -15.54 17.29
CA SER D 94 15.90 -15.19 17.86
C SER D 94 16.13 -15.82 19.24
N SER D 95 15.10 -15.88 20.06
CA SER D 95 15.22 -16.46 21.39
C SER D 95 15.58 -17.94 21.37
N ASN D 96 15.02 -18.69 20.41
CA ASN D 96 15.27 -20.12 20.34
C ASN D 96 16.64 -20.42 19.77
N GLN D 97 17.02 -19.62 18.79
CA GLN D 97 18.32 -19.74 18.16
C GLN D 97 19.40 -19.54 19.24
N PHE D 98 19.21 -18.51 20.07
CA PHE D 98 20.14 -18.22 21.14
C PHE D 98 20.18 -19.40 22.12
N LYS D 99 19.02 -19.92 22.49
CA LYS D 99 18.96 -21.06 23.42
C LYS D 99 19.77 -22.25 22.88
N LYS D 100 19.62 -22.55 21.59
CA LYS D 100 20.35 -23.65 20.98
C LYS D 100 21.86 -23.40 21.06
N LEU D 101 22.29 -22.22 20.60
CA LEU D 101 23.69 -21.81 20.65
C LEU D 101 24.27 -21.87 22.06
N ALA D 102 23.46 -21.53 23.07
CA ALA D 102 23.91 -21.54 24.45
C ALA D 102 24.12 -22.97 24.95
N GLU D 103 23.13 -23.84 24.74
CA GLU D 103 23.26 -25.26 25.10
C GLU D 103 24.58 -25.81 24.59
N LYS D 104 24.88 -25.56 23.32
CA LYS D 104 26.10 -26.03 22.71
C LYS D 104 27.36 -25.44 23.33
N VAL D 105 27.37 -24.12 23.53
CA VAL D 105 28.54 -23.45 24.11
C VAL D 105 28.75 -23.87 25.56
N LEU D 106 27.68 -24.19 26.28
CA LEU D 106 27.84 -24.67 27.66
C LEU D 106 28.47 -26.09 27.65
N LYS D 107 28.17 -26.90 26.65
CA LYS D 107 28.77 -28.22 26.56
C LYS D 107 30.26 -28.03 26.29
N ASN D 108 30.60 -27.06 25.44
CA ASN D 108 32.00 -26.75 25.12
C ASN D 108 32.76 -26.28 26.35
N ALA D 109 32.07 -25.61 27.27
CA ALA D 109 32.70 -25.05 28.47
C ALA D 109 32.90 -26.12 29.53
N GLU D 110 31.96 -27.07 29.56
CA GLU D 110 32.03 -28.23 30.42
C GLU D 110 33.23 -29.12 30.00
N GLU D 111 33.47 -29.27 28.70
CA GLU D 111 34.58 -30.10 28.23
C GLU D 111 35.85 -29.27 27.95
N GLY D 112 35.89 -28.04 28.46
CA GLY D 112 37.03 -27.18 28.23
C GLY D 112 37.40 -27.08 26.75
N LYS D 113 36.43 -27.23 25.85
CA LYS D 113 36.76 -27.14 24.43
C LYS D 113 36.74 -25.66 24.00
N THR D 114 37.93 -25.06 23.97
CA THR D 114 38.03 -23.64 23.68
C THR D 114 38.08 -23.26 22.23
N GLU D 115 38.12 -24.27 21.37
CA GLU D 115 38.12 -24.03 19.93
C GLU D 115 36.74 -23.54 19.46
N ALA D 116 36.76 -22.60 18.54
CA ALA D 116 35.53 -22.03 17.99
C ALA D 116 34.73 -23.13 17.26
N THR D 117 33.46 -23.30 17.63
CA THR D 117 32.63 -24.32 17.02
C THR D 117 31.43 -23.80 16.22
N LEU D 118 31.02 -24.62 15.25
CA LEU D 118 29.88 -24.35 14.39
C LEU D 118 28.71 -25.20 14.84
N VAL D 119 27.54 -24.58 14.91
CA VAL D 119 26.34 -25.29 15.26
C VAL D 119 25.48 -25.28 14.01
N ASP D 120 24.77 -26.37 13.75
CA ASP D 120 23.83 -26.38 12.64
C ASP D 120 22.43 -26.40 13.23
N LEU D 121 21.62 -25.41 12.85
CA LEU D 121 20.26 -25.37 13.35
C LEU D 121 19.33 -26.01 12.32
N MSE E 1 22.04 20.11 7.01
CA MSE E 1 23.17 19.50 6.26
C MSE E 1 22.67 18.55 5.18
O MSE E 1 22.08 17.50 5.48
CB MSE E 1 24.09 18.76 7.23
CG MSE E 1 25.46 18.46 6.65
SE MSE E 1 25.90 16.58 6.78
CE MSE E 1 26.81 16.50 8.49
N LEU E 2 22.91 18.91 3.94
CA LEU E 2 22.53 18.06 2.80
C LEU E 2 23.51 16.90 2.59
N LYS E 3 22.97 15.69 2.44
CA LYS E 3 23.81 14.54 2.13
C LYS E 3 24.00 14.52 0.59
N ASP E 4 25.24 14.30 0.14
CA ASP E 4 25.54 14.26 -1.29
C ASP E 4 24.81 13.10 -1.96
N GLY E 5 24.38 13.34 -3.21
CA GLY E 5 23.59 12.36 -3.94
C GLY E 5 22.59 13.02 -4.88
N ASP E 6 21.64 12.21 -5.37
CA ASP E 6 20.59 12.66 -6.30
C ASP E 6 19.21 12.49 -5.66
N TYR E 7 18.38 13.51 -5.82
CA TYR E 7 17.05 13.52 -5.21
C TYR E 7 16.02 14.09 -6.15
N THR E 8 14.84 13.51 -6.13
CA THR E 8 13.76 13.90 -7.01
C THR E 8 12.39 13.97 -6.34
N VAL E 9 11.69 15.05 -6.61
CA VAL E 9 10.34 15.22 -6.09
C VAL E 9 9.45 15.27 -7.34
N GLU E 10 8.24 14.74 -7.23
CA GLU E 10 7.31 14.75 -8.35
C GLU E 10 5.94 15.08 -7.79
N THR E 11 5.05 15.63 -8.61
CA THR E 11 3.73 15.95 -8.12
C THR E 11 2.86 14.70 -8.03
N ALA E 12 1.87 14.76 -7.15
CA ALA E 12 0.93 13.66 -6.95
C ALA E 12 0.08 13.51 -8.21
N LYS E 13 -0.71 14.53 -8.51
CA LYS E 13 -1.55 14.51 -9.70
C LYS E 13 -1.41 15.82 -10.47
N ALA E 14 -1.93 15.82 -11.69
CA ALA E 14 -1.89 16.99 -12.54
C ALA E 14 -2.71 18.13 -11.92
N ASP E 15 -2.18 19.35 -12.04
CA ASP E 15 -2.84 20.52 -11.46
C ASP E 15 -4.14 20.88 -12.18
N ASP E 16 -4.68 22.04 -11.84
CA ASP E 16 -5.95 22.51 -12.40
C ASP E 16 -5.98 22.52 -13.93
N HIS E 17 -4.85 22.27 -14.58
CA HIS E 17 -4.80 22.30 -16.04
C HIS E 17 -4.23 21.04 -16.69
N GLY E 18 -4.12 19.97 -15.90
CA GLY E 18 -3.58 18.71 -16.41
C GLY E 18 -2.07 18.71 -16.52
N TYR E 19 -1.40 19.48 -15.68
CA TYR E 19 0.05 19.54 -15.70
C TYR E 19 0.69 19.12 -14.39
N LYS E 20 1.64 18.19 -14.47
CA LYS E 20 2.39 17.76 -13.31
C LYS E 20 3.68 18.58 -13.26
N ALA E 21 4.47 18.39 -12.20
CA ALA E 21 5.74 19.09 -12.03
C ALA E 21 6.77 18.22 -11.34
N LYS E 22 7.96 18.13 -11.94
CA LYS E 22 9.05 17.36 -11.39
C LYS E 22 10.23 18.25 -10.98
N LEU E 23 10.99 17.81 -9.97
CA LEU E 23 12.17 18.54 -9.51
C LEU E 23 13.30 17.60 -9.08
N SER E 24 14.45 17.76 -9.71
CA SER E 24 15.61 16.96 -9.37
C SER E 24 16.77 17.88 -8.99
N ILE E 25 17.49 17.48 -7.94
CA ILE E 25 18.67 18.24 -7.55
C ILE E 25 19.82 17.26 -7.33
N LYS E 26 21.03 17.71 -7.64
CA LYS E 26 22.19 16.94 -7.30
C LYS E 26 22.87 17.74 -6.18
N VAL E 27 23.22 17.04 -5.11
CA VAL E 27 23.87 17.66 -3.97
C VAL E 27 25.33 17.19 -4.00
N SER E 28 26.22 18.16 -4.06
CA SER E 28 27.63 17.88 -4.11
C SER E 28 28.34 18.73 -3.05
N ASP E 29 29.00 18.05 -2.12
CA ASP E 29 29.71 18.70 -1.02
C ASP E 29 28.76 19.57 -0.16
N GLY E 30 27.60 19.01 0.17
CA GLY E 30 26.62 19.70 0.99
C GLY E 30 25.89 20.81 0.26
N LYS E 31 26.27 21.03 -0.99
CA LYS E 31 25.72 22.14 -1.77
C LYS E 31 24.86 21.73 -2.94
N ILE E 32 23.90 22.59 -3.32
CA ILE E 32 23.03 22.27 -4.44
C ILE E 32 23.72 22.59 -5.77
N THR E 33 24.37 21.55 -6.31
CA THR E 33 25.14 21.60 -7.55
C THR E 33 24.29 21.78 -8.81
N GLU E 34 23.24 20.98 -8.94
CA GLU E 34 22.34 21.14 -10.08
C GLU E 34 20.87 21.11 -9.65
N ALA E 35 20.00 21.69 -10.48
CA ALA E 35 18.56 21.60 -10.25
C ALA E 35 17.80 21.55 -11.59
N LYS E 36 16.85 20.62 -11.69
CA LYS E 36 16.01 20.47 -12.87
C LYS E 36 14.53 20.53 -12.46
N TYR E 37 13.80 21.46 -13.05
CA TYR E 37 12.38 21.64 -12.74
C TYR E 37 11.60 21.70 -14.04
N ASN E 38 10.63 20.82 -14.17
CA ASN E 38 9.85 20.72 -15.38
C ASN E 38 8.38 20.43 -15.15
N GLU E 39 7.53 21.27 -15.73
CA GLU E 39 6.10 21.05 -15.67
C GLU E 39 5.76 20.30 -16.98
N PHE E 40 4.90 19.30 -16.88
CA PHE E 40 4.55 18.48 -18.05
C PHE E 40 3.15 17.90 -17.93
N ASN E 41 2.55 17.54 -19.06
CA ASN E 41 1.25 16.89 -19.01
C ASN E 41 1.49 15.44 -18.56
N GLY E 42 0.75 15.03 -17.54
CA GLY E 42 0.90 13.68 -17.01
C GLY E 42 0.82 12.59 -18.06
N GLU E 43 -0.30 12.57 -18.78
CA GLU E 43 -0.57 11.53 -19.77
C GLU E 43 0.40 11.50 -20.93
N THR E 44 0.60 12.64 -21.56
CA THR E 44 1.48 12.73 -22.72
C THR E 44 2.94 12.80 -22.33
N ASN E 45 3.20 13.33 -21.14
CA ASN E 45 4.55 13.53 -20.61
C ASN E 45 5.34 14.55 -21.43
N ALA E 46 4.63 15.46 -22.10
CA ALA E 46 5.27 16.52 -22.88
C ALA E 46 5.63 17.69 -21.95
N MSE E 47 6.91 18.03 -21.92
CA MSE E 47 7.39 19.14 -21.08
C MSE E 47 6.70 20.43 -21.50
O MSE E 47 6.28 20.57 -22.66
CB MSE E 47 8.91 19.28 -21.19
CG MSE E 47 9.70 17.98 -20.98
SE MSE E 47 9.61 17.17 -19.19
CE MSE E 47 11.43 16.42 -19.09
N LYS E 48 6.58 21.37 -20.57
CA LYS E 48 5.88 22.63 -20.84
C LYS E 48 6.79 23.75 -21.37
N ARG E 49 8.10 23.56 -21.28
CA ARG E 49 9.05 24.56 -21.81
C ARG E 49 9.44 24.19 -23.24
N GLU E 50 9.11 22.96 -23.65
CA GLU E 50 9.33 22.51 -25.02
C GLU E 50 8.19 23.10 -25.87
N ASP E 51 7.14 23.53 -25.18
CA ASP E 51 5.96 24.09 -25.84
C ASP E 51 6.22 25.53 -26.28
N LYS E 52 6.42 25.71 -27.59
CA LYS E 52 6.69 27.02 -28.16
C LYS E 52 5.43 27.89 -28.23
N ASP E 53 4.26 27.25 -28.38
CA ASP E 53 2.98 27.96 -28.40
C ASP E 53 2.60 28.39 -26.97
N TYR E 54 2.73 27.49 -26.02
CA TYR E 54 2.47 27.81 -24.60
C TYR E 54 3.34 29.00 -24.23
N ASN E 55 4.48 29.13 -24.90
CA ASN E 55 5.43 30.21 -24.64
C ASN E 55 5.06 31.56 -25.28
N GLU E 56 4.68 31.53 -26.56
CA GLU E 56 4.29 32.76 -27.24
C GLU E 56 2.94 33.28 -26.71
N LYS E 57 2.00 32.36 -26.43
CA LYS E 57 0.69 32.72 -25.87
C LYS E 57 0.79 33.28 -24.45
N MSE E 58 1.79 32.82 -23.69
CA MSE E 58 1.98 33.28 -22.31
C MSE E 58 3.01 34.40 -22.16
O MSE E 58 3.16 34.99 -21.08
CB MSE E 58 2.27 32.09 -21.39
CG MSE E 58 2.23 32.43 -19.90
SE MSE E 58 2.15 30.83 -18.76
CE MSE E 58 0.23 30.49 -18.84
N THR E 59 3.75 34.68 -23.24
CA THR E 59 4.67 35.83 -23.24
C THR E 59 3.81 37.09 -23.53
N GLY E 60 2.56 36.87 -23.95
CA GLY E 60 1.66 37.99 -24.24
C GLY E 60 0.86 38.49 -23.05
N VAL E 61 0.33 37.58 -22.24
CA VAL E 61 -0.47 37.96 -21.07
C VAL E 61 0.38 38.56 -19.95
N SER E 62 1.16 37.71 -19.28
CA SER E 62 2.05 38.17 -18.22
C SER E 62 3.45 38.51 -18.76
N GLY E 63 3.90 37.74 -19.75
CA GLY E 63 5.20 37.97 -20.36
C GLY E 63 6.23 36.92 -19.96
N ILE E 64 5.89 36.13 -18.95
CA ILE E 64 6.78 35.09 -18.43
C ILE E 64 6.21 33.68 -18.51
N GLY E 65 6.90 32.82 -19.24
CA GLY E 65 6.46 31.45 -19.45
C GLY E 65 7.47 30.38 -19.11
N PRO E 66 7.08 29.10 -19.22
CA PRO E 66 7.90 27.93 -18.94
C PRO E 66 9.35 28.01 -19.41
N ALA E 67 9.54 28.28 -20.71
CA ALA E 67 10.89 28.36 -21.25
C ALA E 67 11.67 29.48 -20.56
N GLU E 68 10.95 30.34 -19.85
CA GLU E 68 11.54 31.44 -19.12
C GLU E 68 11.71 31.20 -17.62
N TYR E 69 10.60 31.07 -16.89
CA TYR E 69 10.66 30.95 -15.44
C TYR E 69 11.05 29.60 -14.84
N GLU E 70 11.05 28.56 -15.65
CA GLU E 70 11.48 27.24 -15.16
C GLU E 70 12.98 27.25 -14.87
N PRO E 71 13.81 27.72 -15.83
CA PRO E 71 15.27 27.79 -15.64
C PRO E 71 15.62 28.87 -14.62
N GLN E 72 14.71 29.85 -14.43
CA GLN E 72 14.93 30.94 -13.49
C GLN E 72 14.81 30.48 -12.04
N LEU E 73 13.85 29.61 -11.76
CA LEU E 73 13.65 29.10 -10.41
C LEU E 73 14.75 28.12 -10.03
N GLU E 74 15.20 27.30 -10.99
CA GLU E 74 16.30 26.37 -10.74
C GLU E 74 17.53 27.14 -10.20
N LYS E 75 18.15 27.95 -11.06
CA LYS E 75 19.34 28.71 -10.70
C LYS E 75 19.17 29.54 -9.42
N ALA E 76 17.94 29.99 -9.16
CA ALA E 76 17.63 30.77 -7.97
C ALA E 76 17.55 29.86 -6.73
N LEU E 77 17.53 28.55 -6.95
CA LEU E 77 17.54 27.58 -5.86
C LEU E 77 19.00 27.30 -5.54
N ILE E 78 19.81 27.16 -6.60
CA ILE E 78 21.24 26.93 -6.46
C ILE E 78 21.85 28.16 -5.79
N GLU E 79 21.30 29.33 -6.10
CA GLU E 79 21.77 30.57 -5.51
C GLU E 79 21.53 30.57 -4.00
N LYS E 80 20.26 30.48 -3.59
CA LYS E 80 19.88 30.57 -2.18
C LYS E 80 20.28 29.38 -1.34
N GLN E 81 20.45 28.24 -2.00
CA GLN E 81 20.77 26.99 -1.31
C GLN E 81 19.68 26.65 -0.31
N SER E 82 18.48 27.16 -0.56
CA SER E 82 17.33 26.90 0.29
C SER E 82 16.05 27.08 -0.52
N SER E 83 14.93 26.62 0.03
CA SER E 83 13.66 26.70 -0.70
C SER E 83 13.15 28.12 -0.74
N ASP E 84 13.64 28.93 0.20
CA ASP E 84 13.24 30.31 0.29
C ASP E 84 13.80 31.17 -0.84
N ILE E 85 13.20 31.02 -2.02
CA ILE E 85 13.56 31.85 -3.16
C ILE E 85 12.45 32.89 -3.29
N ASP E 86 12.71 33.95 -4.05
CA ASP E 86 11.75 35.01 -4.22
C ASP E 86 10.81 34.71 -5.38
N VAL E 87 9.51 34.84 -5.14
CA VAL E 87 8.51 34.57 -6.14
C VAL E 87 8.69 35.44 -7.38
N ILE E 88 8.37 34.89 -8.56
CA ILE E 88 8.47 35.68 -9.77
C ILE E 88 7.06 36.15 -10.19
N THR E 89 6.87 37.47 -10.21
CA THR E 89 5.58 38.05 -10.58
C THR E 89 5.23 37.69 -12.04
N GLY E 90 3.94 37.45 -12.27
CA GLY E 90 3.47 36.98 -13.56
C GLY E 90 3.37 35.45 -13.47
N ALA E 91 4.16 34.88 -12.57
CA ALA E 91 4.17 33.44 -12.32
C ALA E 91 4.00 33.17 -10.83
N THR E 92 2.95 33.74 -10.24
CA THR E 92 2.67 33.54 -8.81
C THR E 92 2.42 32.04 -8.57
N SER E 93 1.47 31.47 -9.30
CA SER E 93 1.13 30.05 -9.17
C SER E 93 2.32 29.10 -9.32
N SER E 94 3.07 29.23 -10.40
CA SER E 94 4.19 28.32 -10.65
C SER E 94 5.34 28.46 -9.67
N SER E 95 5.55 29.66 -9.16
CA SER E 95 6.64 29.94 -8.22
C SER E 95 6.44 29.29 -6.87
N ASN E 96 5.20 29.21 -6.40
CA ASN E 96 4.91 28.54 -5.13
C ASN E 96 4.88 27.02 -5.30
N GLN E 97 4.53 26.55 -6.50
CA GLN E 97 4.55 25.12 -6.77
C GLN E 97 6.01 24.64 -6.67
N PHE E 98 6.93 25.45 -7.18
CA PHE E 98 8.35 25.14 -7.15
C PHE E 98 8.90 25.13 -5.73
N LYS E 99 8.64 26.21 -4.99
CA LYS E 99 9.13 26.34 -3.62
C LYS E 99 8.65 25.20 -2.72
N LYS E 100 7.46 24.67 -3.00
CA LYS E 100 6.91 23.55 -2.23
C LYS E 100 7.62 22.23 -2.54
N LEU E 101 8.02 22.03 -3.80
CA LEU E 101 8.77 20.84 -4.18
C LEU E 101 10.19 20.93 -3.61
N ALA E 102 10.76 22.13 -3.63
CA ALA E 102 12.10 22.38 -3.11
C ALA E 102 12.18 21.99 -1.65
N GLU E 103 11.19 22.43 -0.88
CA GLU E 103 11.18 22.14 0.54
C GLU E 103 11.17 20.64 0.77
N LYS E 104 10.50 19.93 -0.13
CA LYS E 104 10.37 18.49 0.03
C LYS E 104 11.60 17.74 -0.46
N VAL E 105 12.22 18.21 -1.55
CA VAL E 105 13.40 17.54 -2.08
C VAL E 105 14.62 17.89 -1.23
N LEU E 106 14.63 19.10 -0.68
CA LEU E 106 15.71 19.53 0.20
C LEU E 106 15.62 18.73 1.50
N LYS E 107 14.39 18.40 1.91
CA LYS E 107 14.19 17.58 3.10
C LYS E 107 14.68 16.13 2.84
N ASN E 108 14.49 15.62 1.63
CA ASN E 108 15.00 14.28 1.32
C ASN E 108 16.52 14.39 1.30
N ALA E 109 17.01 15.50 0.76
CA ALA E 109 18.44 15.76 0.70
C ALA E 109 19.03 15.69 2.10
N GLU E 110 18.35 16.30 3.07
CA GLU E 110 18.85 16.29 4.43
C GLU E 110 18.77 14.91 5.06
N GLU E 111 17.87 14.09 4.57
CA GLU E 111 17.70 12.75 5.13
C GLU E 111 18.49 11.69 4.39
N GLY E 112 19.00 12.05 3.22
CA GLY E 112 19.73 11.09 2.41
C GLY E 112 18.72 10.06 1.94
N LYS E 113 17.57 10.53 1.48
CA LYS E 113 16.48 9.67 1.04
C LYS E 113 16.40 9.74 -0.48
N THR E 114 17.10 8.80 -1.13
CA THR E 114 17.20 8.76 -2.59
C THR E 114 15.95 8.45 -3.38
N GLU E 115 15.17 7.50 -2.91
CA GLU E 115 13.97 7.08 -3.63
C GLU E 115 13.07 8.25 -4.01
N ALA E 116 12.49 8.17 -5.20
CA ALA E 116 11.63 9.24 -5.72
C ALA E 116 10.38 9.35 -4.87
N THR E 117 9.98 10.57 -4.57
CA THR E 117 8.85 10.79 -3.71
C THR E 117 7.79 11.66 -4.35
N LEU E 118 6.59 11.56 -3.80
CA LEU E 118 5.46 12.31 -4.31
C LEU E 118 5.09 13.37 -3.31
N VAL E 119 4.73 14.53 -3.84
CA VAL E 119 4.33 15.65 -3.03
C VAL E 119 2.88 15.91 -3.39
N ASP E 120 2.05 16.16 -2.39
CA ASP E 120 0.66 16.50 -2.65
C ASP E 120 0.52 18.02 -2.54
N LEU E 121 0.02 18.65 -3.61
CA LEU E 121 -0.12 20.10 -3.67
C LEU E 121 -1.52 20.59 -3.35
N GLU E 122 -2.53 19.82 -3.75
CA GLU E 122 -3.89 20.20 -3.40
C GLU E 122 -4.04 20.12 -1.86
#